data_4I7D
#
_entry.id   4I7D
#
_cell.length_a   160.977
_cell.length_b   160.977
_cell.length_c   160.977
_cell.angle_alpha   90.00
_cell.angle_beta   90.00
_cell.angle_gamma   90.00
#
_symmetry.space_group_name_H-M   'I 2 3'
#
loop_
_entity.id
_entity.type
_entity.pdbx_description
1 polymer 'E3 ubiquitin-protein ligase SIAH1'
2 polymer 'Protein phyllopod'
3 non-polymer 'ZINC ION'
4 non-polymer (4S)-2-METHYL-2,4-PENTANEDIOL
5 water water
#
loop_
_entity_poly.entity_id
_entity_poly.type
_entity_poly.pdbx_seq_one_letter_code
_entity_poly.pdbx_strand_id
1 'polypeptide(L)'
;GSHVANSVLFPCKYASSGCEITLPHTEKADHEELCEFRPYSCPCPGASCKWQGSLDAVMPHLMHQHKSITTLQGEDIVFL
ATDINLPGAVDWVMMQSCFGFHFMLVLEKQEKYDGHQQFFAIVQLIGTRKQAENFAYRLELNGHRRRLTWEATPRSIHEG
IATAIMNSDCLVFDTSIAQLFAENGNLGINVTISMC
;
A,C
2 'polypeptide(L)' (ACE)KLRPVAMVRP(PRK)VR B,D
#
loop_
_chem_comp.id
_chem_comp.type
_chem_comp.name
_chem_comp.formula
ACE non-polymer 'ACETYL GROUP' 'C2 H4 O'
MPD non-polymer (4S)-2-METHYL-2,4-PENTANEDIOL 'C6 H14 O2'
ZN non-polymer 'ZINC ION' 'Zn 2'
#
# COMPACT_ATOMS: atom_id res chain seq x y z
N ALA A 5 -23.11 -49.61 -8.68
CA ALA A 5 -22.19 -48.67 -7.99
C ALA A 5 -21.35 -47.89 -8.99
N ASN A 6 -21.76 -46.64 -9.25
CA ASN A 6 -21.06 -45.77 -10.19
C ASN A 6 -19.78 -45.16 -9.62
N SER A 7 -19.79 -44.88 -8.31
CA SER A 7 -18.61 -44.35 -7.62
C SER A 7 -18.77 -44.49 -6.10
N VAL A 8 -17.83 -43.91 -5.36
CA VAL A 8 -17.80 -44.04 -3.90
C VAL A 8 -17.41 -42.71 -3.26
N LEU A 9 -18.11 -42.36 -2.19
CA LEU A 9 -17.76 -41.20 -1.39
C LEU A 9 -16.99 -41.69 -0.16
N PHE A 10 -15.82 -41.10 0.09
CA PHE A 10 -14.96 -41.46 1.22
C PHE A 10 -15.06 -40.42 2.32
N PRO A 11 -15.11 -40.86 3.59
CA PRO A 11 -15.23 -39.91 4.68
C PRO A 11 -13.94 -39.13 4.93
N CYS A 12 -14.09 -37.87 5.33
CA CYS A 12 -12.97 -37.07 5.77
C CYS A 12 -12.21 -37.81 6.88
N LYS A 13 -10.88 -37.75 6.83
CA LYS A 13 -10.06 -38.35 7.88
C LYS A 13 -10.40 -37.81 9.28
N TYR A 14 -11.01 -36.63 9.36
CA TYR A 14 -11.37 -36.04 10.66
C TYR A 14 -12.79 -36.38 11.14
N ALA A 15 -13.41 -37.40 10.53
CA ALA A 15 -14.74 -37.89 10.95
C ALA A 15 -14.75 -38.33 12.42
N SER A 16 -13.63 -38.89 12.87
CA SER A 16 -13.45 -39.34 14.25
C SER A 16 -13.64 -38.22 15.30
N SER A 17 -13.41 -36.97 14.90
CA SER A 17 -13.62 -35.83 15.81
C SER A 17 -14.90 -35.05 15.50
N GLY A 18 -15.66 -35.49 14.49
CA GLY A 18 -17.00 -34.95 14.24
C GLY A 18 -17.34 -34.54 12.81
N CYS A 19 -16.37 -34.58 11.91
CA CYS A 19 -16.63 -34.16 10.53
C CYS A 19 -17.54 -35.15 9.81
N GLU A 20 -18.55 -34.62 9.13
CA GLU A 20 -19.56 -35.43 8.45
C GLU A 20 -19.42 -35.39 6.94
N ILE A 21 -18.38 -34.73 6.44
CA ILE A 21 -18.15 -34.61 5.00
C ILE A 21 -17.68 -35.95 4.41
N THR A 22 -18.32 -36.33 3.31
CA THR A 22 -17.95 -37.53 2.57
C THR A 22 -17.89 -37.17 1.08
N LEU A 23 -16.75 -37.44 0.45
CA LEU A 23 -16.44 -36.92 -0.88
C LEU A 23 -15.74 -37.95 -1.77
N PRO A 24 -15.75 -37.72 -3.10
CA PRO A 24 -14.92 -38.54 -4.00
C PRO A 24 -13.44 -38.35 -3.69
N HIS A 25 -12.64 -39.36 -3.99
CA HIS A 25 -11.20 -39.33 -3.71
C HIS A 25 -10.52 -38.11 -4.30
N THR A 26 -11.03 -37.62 -5.43
CA THR A 26 -10.42 -36.51 -6.17
C THR A 26 -10.52 -35.15 -5.47
N GLU A 27 -11.47 -34.99 -4.55
CA GLU A 27 -11.63 -33.73 -3.81
C GLU A 27 -11.66 -33.97 -2.30
N LYS A 28 -10.98 -35.02 -1.85
CA LYS A 28 -10.91 -35.38 -0.43
C LYS A 28 -9.75 -34.66 0.25
N ALA A 29 -8.54 -34.83 -0.29
CA ALA A 29 -7.34 -34.19 0.25
C ALA A 29 -7.50 -32.68 0.35
N ASP A 30 -8.15 -32.08 -0.65
CA ASP A 30 -8.44 -30.65 -0.66
C ASP A 30 -9.27 -30.22 0.56
N HIS A 31 -10.31 -30.99 0.87
CA HIS A 31 -11.15 -30.70 2.03
C HIS A 31 -10.41 -30.84 3.33
N GLU A 32 -9.59 -31.89 3.43
CA GLU A 32 -8.92 -32.23 4.68
C GLU A 32 -7.93 -31.16 5.16
N GLU A 33 -7.30 -30.46 4.22
CA GLU A 33 -6.47 -29.31 4.58
C GLU A 33 -7.34 -28.16 5.09
N LEU A 34 -8.47 -27.93 4.42
CA LEU A 34 -9.40 -26.86 4.80
C LEU A 34 -10.30 -27.20 6.00
N CYS A 35 -10.42 -28.48 6.36
CA CYS A 35 -11.42 -28.93 7.34
C CYS A 35 -11.24 -28.30 8.72
N GLU A 36 -12.35 -27.84 9.29
CA GLU A 36 -12.34 -27.17 10.59
C GLU A 36 -12.01 -28.11 11.76
N PHE A 37 -12.23 -29.41 11.56
CA PHE A 37 -11.92 -30.42 12.59
C PHE A 37 -10.45 -30.84 12.58
N ARG A 38 -9.65 -30.25 11.71
CA ARG A 38 -8.20 -30.45 11.70
C ARG A 38 -7.60 -29.78 12.93
N PRO A 39 -6.60 -30.43 13.57
CA PRO A 39 -5.93 -29.81 14.71
C PRO A 39 -5.28 -28.47 14.41
N TYR A 40 -5.28 -27.59 15.40
CA TYR A 40 -4.62 -26.30 15.29
C TYR A 40 -3.15 -26.47 15.67
N SER A 41 -2.27 -25.74 14.97
CA SER A 41 -0.85 -25.72 15.26
C SER A 41 -0.48 -24.36 15.85
N CYS A 42 0.79 -24.18 16.21
CA CYS A 42 1.23 -22.93 16.84
C CYS A 42 1.19 -21.77 15.84
N PRO A 43 0.51 -20.68 16.21
CA PRO A 43 0.40 -19.52 15.32
C PRO A 43 1.65 -18.62 15.29
N CYS A 44 2.60 -18.81 16.20
CA CYS A 44 3.85 -18.04 16.18
C CYS A 44 4.61 -18.32 14.89
N PRO A 45 5.15 -17.26 14.25
CA PRO A 45 5.97 -17.48 13.04
C PRO A 45 7.22 -18.28 13.32
N GLY A 46 7.66 -19.06 12.33
CA GLY A 46 8.84 -19.91 12.49
C GLY A 46 8.46 -21.32 12.92
N ALA A 47 9.48 -22.16 13.06
CA ALA A 47 9.28 -23.60 13.32
C ALA A 47 9.88 -24.07 14.65
N SER A 48 10.37 -23.15 15.47
CA SER A 48 11.01 -23.51 16.75
C SER A 48 10.02 -24.12 17.75
N CYS A 49 8.72 -23.89 17.53
CA CYS A 49 7.67 -24.55 18.29
C CYS A 49 6.76 -25.36 17.36
N LYS A 50 6.66 -26.66 17.61
CA LYS A 50 5.87 -27.57 16.77
C LYS A 50 4.66 -28.12 17.54
N TRP A 51 4.05 -27.28 18.38
CA TRP A 51 2.90 -27.67 19.20
C TRP A 51 1.65 -27.79 18.36
N GLN A 52 0.74 -28.66 18.78
CA GLN A 52 -0.57 -28.81 18.15
C GLN A 52 -1.67 -29.17 19.16
N GLY A 53 -2.88 -28.64 18.94
CA GLY A 53 -4.01 -28.99 19.78
C GLY A 53 -5.35 -28.38 19.38
N SER A 54 -6.27 -28.36 20.34
CA SER A 54 -7.61 -27.79 20.16
C SER A 54 -7.53 -26.27 20.13
N LEU A 55 -8.46 -25.63 19.44
CA LEU A 55 -8.51 -24.17 19.34
C LEU A 55 -8.47 -23.50 20.72
N ASP A 56 -9.26 -24.02 21.66
CA ASP A 56 -9.29 -23.47 23.02
C ASP A 56 -8.04 -23.81 23.84
N ALA A 57 -7.11 -24.56 23.25
CA ALA A 57 -5.79 -24.79 23.84
C ALA A 57 -4.73 -23.80 23.34
N VAL A 58 -5.02 -23.06 22.27
CA VAL A 58 -4.03 -22.19 21.64
C VAL A 58 -3.55 -21.07 22.58
N MET A 59 -4.49 -20.32 23.17
CA MET A 59 -4.12 -19.22 24.07
C MET A 59 -3.36 -19.72 25.31
N PRO A 60 -3.85 -20.78 25.98
CA PRO A 60 -3.06 -21.41 27.04
C PRO A 60 -1.63 -21.79 26.62
N HIS A 61 -1.46 -22.28 25.39
CA HIS A 61 -0.12 -22.63 24.90
C HIS A 61 0.74 -21.40 24.78
N LEU A 62 0.19 -20.35 24.19
CA LEU A 62 0.91 -19.07 24.05
C LEU A 62 1.23 -18.47 25.42
N MET A 63 0.29 -18.57 26.36
CA MET A 63 0.48 -18.04 27.71
C MET A 63 1.54 -18.81 28.52
N HIS A 64 1.75 -20.09 28.21
CA HIS A 64 2.72 -20.90 28.94
C HIS A 64 4.07 -20.94 28.28
N GLN A 65 4.08 -21.06 26.95
CA GLN A 65 5.33 -21.25 26.19
C GLN A 65 5.89 -19.97 25.56
N HIS A 66 5.04 -18.96 25.38
CA HIS A 66 5.45 -17.71 24.71
C HIS A 66 5.02 -16.52 25.53
N LYS A 67 5.58 -16.41 26.74
CA LYS A 67 5.17 -15.40 27.70
C LYS A 67 5.60 -13.97 27.33
N SER A 68 6.58 -13.85 26.44
CA SER A 68 7.14 -12.55 26.08
C SER A 68 6.35 -11.79 25.01
N ILE A 69 5.20 -12.30 24.58
CA ILE A 69 4.42 -11.59 23.56
C ILE A 69 3.70 -10.39 24.18
N THR A 70 4.01 -9.20 23.68
CA THR A 70 3.35 -7.96 24.11
C THR A 70 1.87 -8.05 23.75
N THR A 71 1.00 -7.67 24.68
CA THR A 71 -0.44 -7.72 24.47
C THR A 71 -1.09 -6.40 24.85
N LEU A 72 -2.05 -5.95 24.04
CA LEU A 72 -2.83 -4.75 24.36
C LEU A 72 -4.32 -5.04 24.25
N GLN A 73 -5.09 -4.41 25.13
CA GLN A 73 -6.54 -4.45 25.08
C GLN A 73 -7.04 -3.26 24.28
N GLY A 74 -7.97 -3.49 23.38
CA GLY A 74 -8.63 -2.40 22.66
C GLY A 74 -8.78 -2.69 21.19
N GLU A 75 -9.75 -2.05 20.55
CA GLU A 75 -9.95 -2.24 19.11
C GLU A 75 -9.09 -1.29 18.27
N ASP A 76 -8.46 -0.29 18.90
CA ASP A 76 -7.58 0.65 18.23
C ASP A 76 -6.26 0.79 18.97
N ILE A 77 -5.16 0.39 18.34
CA ILE A 77 -3.84 0.46 18.98
C ILE A 77 -2.78 0.96 18.03
N VAL A 78 -1.61 1.26 18.58
CA VAL A 78 -0.41 1.46 17.80
C VAL A 78 0.57 0.32 18.07
N PHE A 79 0.91 -0.37 16.99
CA PHE A 79 1.92 -1.43 16.98
C PHE A 79 3.23 -0.73 16.58
N LEU A 80 4.07 -0.47 17.57
CA LEU A 80 5.34 0.24 17.34
C LEU A 80 6.50 -0.75 17.20
N ALA A 81 6.82 -1.12 15.97
CA ALA A 81 7.96 -1.98 15.68
C ALA A 81 9.25 -1.17 15.85
N THR A 82 10.08 -1.58 16.79
CA THR A 82 11.35 -0.92 17.05
C THR A 82 12.47 -1.56 16.23
N ASP A 83 13.50 -0.76 15.93
CA ASP A 83 14.70 -1.22 15.20
C ASP A 83 14.40 -1.77 13.79
N ILE A 84 13.63 -1.01 13.01
CA ILE A 84 13.19 -1.45 11.69
C ILE A 84 14.30 -1.64 10.65
N ASN A 85 15.39 -0.90 10.81
CA ASN A 85 16.49 -0.95 9.85
C ASN A 85 17.46 -2.11 10.08
N LEU A 86 17.11 -3.06 10.95
CA LEU A 86 17.92 -4.26 11.17
C LEU A 86 17.99 -5.09 9.89
N PRO A 87 19.21 -5.54 9.52
CA PRO A 87 19.33 -6.35 8.31
C PRO A 87 18.88 -7.79 8.51
N GLY A 88 18.49 -8.45 7.42
CA GLY A 88 18.14 -9.87 7.44
C GLY A 88 16.67 -10.13 7.69
N ALA A 89 16.34 -11.40 7.95
CA ALA A 89 14.97 -11.83 8.21
C ALA A 89 14.59 -11.56 9.66
N VAL A 90 13.61 -10.69 9.85
CA VAL A 90 13.21 -10.23 11.18
C VAL A 90 11.69 -10.26 11.32
N ASP A 91 11.21 -10.56 12.52
CA ASP A 91 9.78 -10.59 12.82
C ASP A 91 9.47 -9.71 14.01
N TRP A 92 8.28 -9.09 13.98
CA TRP A 92 7.69 -8.45 15.13
C TRP A 92 6.33 -9.04 15.32
N VAL A 93 6.00 -9.45 16.54
CA VAL A 93 4.71 -10.08 16.82
C VAL A 93 4.10 -9.49 18.09
N MET A 94 2.81 -9.18 18.04
CA MET A 94 2.06 -8.79 19.25
C MET A 94 0.63 -9.31 19.21
N MET A 95 -0.03 -9.24 20.36
CA MET A 95 -1.42 -9.64 20.51
C MET A 95 -2.29 -8.41 20.72
N GLN A 96 -3.42 -8.37 20.04
CA GLN A 96 -4.44 -7.37 20.27
C GLN A 96 -5.71 -8.10 20.72
N SER A 97 -6.31 -7.65 21.82
CA SER A 97 -7.52 -8.27 22.32
C SER A 97 -8.71 -7.30 22.28
N CYS A 98 -9.79 -7.74 21.66
CA CYS A 98 -11.00 -6.95 21.53
C CYS A 98 -12.15 -7.84 21.06
N PHE A 99 -13.38 -7.42 21.36
CA PHE A 99 -14.60 -8.14 20.98
C PHE A 99 -14.64 -9.57 21.52
N GLY A 100 -13.95 -9.80 22.64
CA GLY A 100 -13.87 -11.14 23.24
C GLY A 100 -12.94 -12.12 22.54
N PHE A 101 -12.17 -11.64 21.58
CA PHE A 101 -11.22 -12.46 20.82
C PHE A 101 -9.81 -11.93 20.93
N HIS A 102 -8.85 -12.77 20.54
CA HIS A 102 -7.45 -12.37 20.48
C HIS A 102 -6.96 -12.47 19.06
N PHE A 103 -6.23 -11.44 18.65
CA PHE A 103 -5.71 -11.33 17.29
C PHE A 103 -4.19 -11.26 17.37
N MET A 104 -3.51 -11.99 16.48
CA MET A 104 -2.06 -11.87 16.34
C MET A 104 -1.72 -10.90 15.21
N LEU A 105 -0.92 -9.89 15.54
CA LEU A 105 -0.45 -8.89 14.58
C LEU A 105 1.00 -9.22 14.25
N VAL A 106 1.31 -9.34 12.96
CA VAL A 106 2.65 -9.74 12.54
C VAL A 106 3.21 -8.78 11.50
N LEU A 107 4.44 -8.34 11.72
CA LEU A 107 5.22 -7.63 10.73
C LEU A 107 6.43 -8.51 10.40
N GLU A 108 6.60 -8.83 9.12
CA GLU A 108 7.72 -9.65 8.68
C GLU A 108 8.59 -8.84 7.73
N LYS A 109 9.90 -8.86 7.99
CA LYS A 109 10.88 -8.27 7.09
C LYS A 109 11.64 -9.43 6.45
N GLN A 110 11.54 -9.55 5.12
CA GLN A 110 12.20 -10.63 4.39
C GLN A 110 13.53 -10.16 3.83
N GLU A 111 14.53 -11.06 3.84
CA GLU A 111 15.89 -10.73 3.40
C GLU A 111 15.97 -10.64 1.87
N GLN A 117 14.94 -4.86 0.63
CA GLN A 117 14.12 -5.87 1.30
C GLN A 117 12.73 -5.35 1.66
N GLN A 118 11.77 -6.28 1.74
CA GLN A 118 10.36 -5.94 1.86
C GLN A 118 9.79 -6.22 3.25
N PHE A 119 8.76 -5.47 3.61
CA PHE A 119 7.97 -5.67 4.82
C PHE A 119 6.57 -6.17 4.46
N PHE A 120 6.07 -7.12 5.24
CA PHE A 120 4.71 -7.63 5.11
C PHE A 120 4.05 -7.53 6.48
N ALA A 121 2.89 -6.89 6.54
CA ALA A 121 2.15 -6.71 7.78
C ALA A 121 0.77 -7.30 7.60
N ILE A 122 0.35 -8.14 8.54
CA ILE A 122 -0.89 -8.90 8.42
C ILE A 122 -1.45 -9.18 9.82
N VAL A 123 -2.74 -9.46 9.89
CA VAL A 123 -3.42 -9.76 11.16
C VAL A 123 -4.13 -11.09 11.04
N GLN A 124 -4.02 -11.92 12.08
CA GLN A 124 -4.75 -13.18 12.12
C GLN A 124 -5.53 -13.33 13.42
N LEU A 125 -6.67 -14.01 13.33
CA LEU A 125 -7.56 -14.21 14.46
C LEU A 125 -7.24 -15.54 15.12
N ILE A 126 -7.16 -15.54 16.46
CA ILE A 126 -7.13 -16.79 17.19
C ILE A 126 -8.57 -17.26 17.27
N GLY A 127 -8.96 -18.01 16.25
CA GLY A 127 -10.34 -18.44 16.08
C GLY A 127 -10.50 -19.13 14.75
N THR A 128 -11.73 -19.55 14.46
CA THR A 128 -12.01 -20.32 13.26
C THR A 128 -12.11 -19.43 12.03
N ARG A 129 -12.10 -20.06 10.86
CA ARG A 129 -12.29 -19.35 9.59
C ARG A 129 -13.62 -18.60 9.56
N LYS A 130 -14.66 -19.26 10.07
CA LYS A 130 -15.99 -18.66 10.08
C LYS A 130 -16.03 -17.45 11.01
N GLN A 131 -15.39 -17.58 12.17
CA GLN A 131 -15.28 -16.44 13.10
C GLN A 131 -14.55 -15.25 12.44
N ALA A 132 -13.48 -15.53 11.70
CA ALA A 132 -12.66 -14.48 11.07
C ALA A 132 -13.45 -13.62 10.09
N GLU A 133 -14.48 -14.21 9.47
CA GLU A 133 -15.31 -13.51 8.47
C GLU A 133 -16.11 -12.35 9.07
N ASN A 134 -16.29 -12.34 10.38
CA ASN A 134 -17.03 -11.28 11.05
C ASN A 134 -16.22 -10.02 11.29
N PHE A 135 -14.92 -10.07 10.98
CA PHE A 135 -14.01 -9.01 11.33
C PHE A 135 -13.37 -8.37 10.09
N ALA A 136 -13.07 -7.08 10.23
CA ALA A 136 -12.20 -6.38 9.29
C ALA A 136 -11.08 -5.79 10.12
N TYR A 137 -9.87 -5.73 9.56
CA TYR A 137 -8.80 -4.99 10.21
C TYR A 137 -8.28 -3.92 9.27
N ARG A 138 -7.68 -2.89 9.87
CA ARG A 138 -7.07 -1.82 9.11
C ARG A 138 -5.67 -1.57 9.65
N LEU A 139 -4.69 -1.64 8.76
CA LEU A 139 -3.32 -1.25 9.06
C LEU A 139 -3.06 0.06 8.35
N GLU A 140 -2.48 1.01 9.05
CA GLU A 140 -2.19 2.30 8.44
CA GLU A 140 -2.26 2.36 8.53
C GLU A 140 -0.86 2.86 8.92
N LEU A 141 -0.11 3.38 7.95
CA LEU A 141 1.17 4.03 8.21
C LEU A 141 0.94 5.53 8.02
N ASN A 142 1.38 6.34 8.99
CA ASN A 142 1.11 7.78 8.99
C ASN A 142 2.38 8.60 8.99
N GLY A 143 2.46 9.55 8.06
CA GLY A 143 3.58 10.48 7.97
C GLY A 143 3.04 11.88 7.79
N HIS A 144 3.94 12.84 7.54
CA HIS A 144 3.53 14.21 7.27
C HIS A 144 2.78 14.27 5.96
N ARG A 145 1.46 14.40 6.07
CA ARG A 145 0.57 14.50 4.91
C ARG A 145 0.71 13.29 3.97
N ARG A 146 0.90 12.13 4.59
CA ARG A 146 1.05 10.85 3.89
C ARG A 146 0.34 9.78 4.69
N ARG A 147 -0.44 8.94 4.01
CA ARG A 147 -1.05 7.80 4.68
C ARG A 147 -1.20 6.63 3.73
N LEU A 148 -0.65 5.49 4.11
CA LEU A 148 -0.81 4.23 3.38
C LEU A 148 -1.68 3.34 4.24
N THR A 149 -2.77 2.81 3.66
CA THR A 149 -3.74 2.03 4.40
C THR A 149 -4.04 0.70 3.70
N TRP A 150 -4.07 -0.36 4.48
CA TRP A 150 -4.50 -1.68 4.01
C TRP A 150 -5.64 -2.14 4.85
N GLU A 151 -6.69 -2.64 4.19
CA GLU A 151 -7.89 -3.15 4.87
C GLU A 151 -8.27 -4.49 4.30
N ALA A 152 -8.60 -5.43 5.18
CA ALA A 152 -8.93 -6.80 4.79
C ALA A 152 -9.59 -7.58 5.91
N THR A 153 -9.96 -8.81 5.60
CA THR A 153 -10.46 -9.75 6.59
C THR A 153 -9.27 -10.45 7.22
N PRO A 154 -9.19 -10.49 8.56
CA PRO A 154 -8.08 -11.23 9.16
C PRO A 154 -8.17 -12.70 8.83
N ARG A 155 -7.01 -13.34 8.66
CA ARG A 155 -6.96 -14.79 8.44
C ARG A 155 -7.18 -15.49 9.76
N SER A 156 -7.78 -16.67 9.71
CA SER A 156 -7.79 -17.55 10.87
C SER A 156 -6.41 -18.19 10.99
N ILE A 157 -5.92 -18.33 12.21
CA ILE A 157 -4.68 -19.08 12.44
C ILE A 157 -4.78 -20.52 11.91
N HIS A 158 -6.00 -21.03 11.75
CA HIS A 158 -6.23 -22.34 11.13
C HIS A 158 -5.66 -22.36 9.73
N GLU A 159 -5.81 -21.26 9.00
CA GLU A 159 -5.23 -21.10 7.68
C GLU A 159 -3.79 -20.60 7.75
N GLY A 160 -3.49 -19.72 8.70
CA GLY A 160 -2.16 -19.14 8.80
C GLY A 160 -1.91 -18.01 7.81
N ILE A 161 -0.70 -17.47 7.84
CA ILE A 161 -0.37 -16.27 7.06
C ILE A 161 0.68 -16.47 5.96
N ALA A 162 1.31 -17.64 5.93
CA ALA A 162 2.40 -17.91 4.98
C ALA A 162 1.96 -17.78 3.53
N THR A 163 0.83 -18.39 3.19
CA THR A 163 0.28 -18.31 1.83
C THR A 163 -0.11 -16.88 1.46
N ALA A 164 -0.76 -16.18 2.40
CA ALA A 164 -1.15 -14.79 2.17
C ALA A 164 0.06 -13.91 1.91
N ILE A 165 1.09 -14.03 2.75
CA ILE A 165 2.33 -13.27 2.60
C ILE A 165 2.99 -13.58 1.26
N MET A 166 3.01 -14.86 0.91
CA MET A 166 3.59 -15.34 -0.36
C MET A 166 2.93 -14.69 -1.58
N ASN A 167 1.62 -14.45 -1.52
CA ASN A 167 0.89 -13.82 -2.63
C ASN A 167 0.67 -12.31 -2.43
N SER A 168 1.36 -11.72 -1.44
CA SER A 168 1.28 -10.28 -1.16
C SER A 168 -0.14 -9.83 -0.78
N ASP A 169 -0.90 -10.74 -0.17
CA ASP A 169 -2.27 -10.45 0.22
C ASP A 169 -2.31 -9.87 1.63
N CYS A 170 -1.68 -8.71 1.79
CA CYS A 170 -1.50 -8.05 3.08
C CYS A 170 -0.89 -6.69 2.79
N LEU A 171 -0.54 -5.94 3.83
CA LEU A 171 0.16 -4.67 3.62
C LEU A 171 1.61 -5.01 3.26
N VAL A 172 2.05 -4.53 2.09
CA VAL A 172 3.38 -4.81 1.58
C VAL A 172 4.09 -3.49 1.27
N PHE A 173 5.25 -3.27 1.89
CA PHE A 173 6.06 -2.08 1.59
C PHE A 173 7.54 -2.40 1.72
N ASP A 174 8.39 -1.51 1.25
CA ASP A 174 9.82 -1.76 1.23
C ASP A 174 10.56 -0.82 2.18
N THR A 175 11.87 -0.99 2.29
CA THR A 175 12.67 -0.19 3.19
C THR A 175 12.68 1.30 2.82
N SER A 176 12.46 1.63 1.55
CA SER A 176 12.40 3.04 1.15
C SER A 176 11.10 3.68 1.65
N ILE A 177 9.97 2.97 1.48
CA ILE A 177 8.68 3.42 2.01
C ILE A 177 8.72 3.49 3.54
N ALA A 178 9.36 2.51 4.17
CA ALA A 178 9.52 2.52 5.62
C ALA A 178 10.17 3.81 6.14
N GLN A 179 11.13 4.35 5.38
CA GLN A 179 11.82 5.58 5.79
C GLN A 179 10.92 6.82 5.82
N LEU A 180 9.90 6.85 4.96
CA LEU A 180 8.94 7.96 4.94
C LEU A 180 8.04 7.97 6.17
N PHE A 181 7.90 6.81 6.80
CA PHE A 181 6.99 6.68 7.93
C PHE A 181 7.68 6.43 9.26
N ALA A 182 8.95 6.02 9.23
CA ALA A 182 9.68 5.66 10.45
C ALA A 182 10.14 6.90 11.20
N GLU A 183 10.12 6.81 12.53
CA GLU A 183 10.69 7.84 13.41
C GLU A 183 11.75 7.17 14.28
N ASN A 184 12.97 7.73 14.25
CA ASN A 184 14.06 7.23 15.09
C ASN A 184 14.31 5.72 14.95
N GLY A 185 14.21 5.22 13.72
CA GLY A 185 14.38 3.78 13.46
C GLY A 185 13.23 2.91 13.94
N ASN A 186 12.09 3.51 14.25
CA ASN A 186 10.88 2.78 14.65
C ASN A 186 9.70 3.16 13.74
N LEU A 187 8.81 2.20 13.50
CA LEU A 187 7.63 2.42 12.67
C LEU A 187 6.37 2.18 13.47
N GLY A 188 5.55 3.20 13.59
CA GLY A 188 4.26 3.09 14.25
C GLY A 188 3.21 2.67 13.25
N ILE A 189 2.64 1.49 13.44
CA ILE A 189 1.56 0.99 12.60
C ILE A 189 0.27 1.07 13.39
N ASN A 190 -0.66 1.90 12.96
CA ASN A 190 -1.99 1.96 13.58
C ASN A 190 -2.78 0.75 13.14
N VAL A 191 -3.26 -0.02 14.13
CA VAL A 191 -4.07 -1.20 13.86
C VAL A 191 -5.44 -0.96 14.46
N THR A 192 -6.47 -1.07 13.62
CA THR A 192 -7.85 -0.99 14.06
C THR A 192 -8.57 -2.27 13.65
N ILE A 193 -9.31 -2.86 14.57
CA ILE A 193 -10.11 -4.03 14.29
C ILE A 193 -11.57 -3.64 14.47
N SER A 194 -12.42 -4.05 13.54
CA SER A 194 -13.85 -3.77 13.63
C SER A 194 -14.68 -5.00 13.28
N MET A 195 -15.94 -4.98 13.70
CA MET A 195 -16.90 -5.99 13.30
C MET A 195 -17.69 -5.43 12.13
N CYS A 196 -17.71 -6.19 11.04
CA CYS A 196 -18.41 -5.79 9.83
C CYS A 196 -19.62 -6.70 9.57
C ACE B 1 -9.97 9.43 17.28
O ACE B 1 -9.74 10.45 16.64
CH3 ACE B 1 -11.38 9.07 17.67
N LYS B 2 -8.98 8.62 17.68
CA LYS B 2 -9.19 7.37 18.40
C LYS B 2 -8.16 7.17 19.52
N LEU B 3 -8.67 6.76 20.69
CA LEU B 3 -7.84 6.39 21.84
C LEU B 3 -6.98 5.17 21.50
N ARG B 4 -5.66 5.35 21.49
CA ARG B 4 -4.74 4.29 21.06
C ARG B 4 -3.62 4.05 22.07
N PRO B 5 -3.70 2.94 22.82
CA PRO B 5 -2.51 2.49 23.55
C PRO B 5 -1.39 2.12 22.57
N VAL B 6 -0.16 2.43 22.95
CA VAL B 6 1.01 2.17 22.11
C VAL B 6 1.82 1.04 22.72
N ALA B 7 2.08 0.00 21.93
CA ALA B 7 2.91 -1.13 22.36
C ALA B 7 4.25 -1.07 21.62
N MET B 8 5.33 -1.00 22.39
CA MET B 8 6.67 -1.05 21.85
C MET B 8 7.05 -2.53 21.70
N VAL B 9 7.20 -2.97 20.45
CA VAL B 9 7.51 -4.35 20.16
C VAL B 9 8.95 -4.48 19.68
N ARG B 10 9.68 -5.38 20.33
CA ARG B 10 11.07 -5.66 20.00
C ARG B 10 11.13 -6.71 18.89
N PRO B 11 12.10 -6.59 17.99
CA PRO B 11 12.21 -7.54 16.89
C PRO B 11 12.67 -8.94 17.32
C PRK B 12 13.48 -11.76 15.42
N PRK B 12 12.39 -9.92 16.47
O PRK B 12 12.96 -11.57 14.32
CA PRK B 12 12.77 -11.32 16.68
CB PRK B 12 11.49 -12.15 16.83
CD PRK B 12 9.79 -12.81 18.63
CE PRK B 12 8.81 -13.29 17.56
CG PRK B 12 11.27 -12.73 18.22
NZ PRK B 12 8.09 -14.51 17.89
CAA PRK B 12 5.02 -15.88 18.73
OAD PRK B 12 6.82 -13.67 19.54
CAF PRK B 12 6.50 -15.95 19.05
CAL PRK B 12 7.15 -14.61 18.84
N VAL B 13 14.65 -12.37 15.57
CA VAL B 13 15.38 -12.92 14.43
C VAL B 13 15.15 -14.42 14.34
N ARG B 14 14.90 -14.91 13.12
CA ARG B 14 14.76 -16.35 12.89
C ARG B 14 16.14 -16.99 12.75
N ASN C 6 33.31 42.12 2.99
CA ASN C 6 33.24 41.08 4.08
C ASN C 6 32.77 39.73 3.56
N SER C 7 31.76 39.75 2.70
CA SER C 7 31.36 38.58 1.90
C SER C 7 30.38 39.02 0.79
N VAL C 8 29.90 38.08 0.00
CA VAL C 8 29.10 38.40 -1.18
C VAL C 8 27.95 37.41 -1.38
N LEU C 9 26.77 37.94 -1.65
CA LEU C 9 25.60 37.12 -1.97
C LEU C 9 25.51 36.97 -3.49
N PHE C 10 25.21 35.75 -3.94
CA PHE C 10 25.19 35.41 -5.35
C PHE C 10 23.75 35.36 -5.86
N PRO C 11 23.52 35.86 -7.09
CA PRO C 11 22.16 35.86 -7.64
C PRO C 11 21.67 34.47 -8.05
N CYS C 12 20.35 34.28 -8.06
CA CYS C 12 19.76 33.04 -8.54
C CYS C 12 20.01 32.88 -10.04
N LYS C 13 20.18 31.63 -10.48
CA LYS C 13 20.44 31.35 -11.89
C LYS C 13 19.29 31.77 -12.81
N TYR C 14 18.07 31.85 -12.28
CA TYR C 14 16.90 32.28 -13.04
C TYR C 14 16.62 33.78 -12.87
N ALA C 15 17.66 34.55 -12.58
CA ALA C 15 17.56 36.00 -12.44
C ALA C 15 17.13 36.64 -13.76
N SER C 16 17.64 36.13 -14.87
CA SER C 16 17.31 36.65 -16.20
C SER C 16 15.83 36.53 -16.55
N SER C 17 15.14 35.57 -15.93
CA SER C 17 13.70 35.44 -16.14
C SER C 17 12.86 36.22 -15.10
N GLY C 18 13.52 36.79 -14.09
CA GLY C 18 12.84 37.68 -13.13
C GLY C 18 13.07 37.50 -11.64
N CYS C 19 13.87 36.49 -11.26
CA CYS C 19 14.14 36.24 -9.84
C CYS C 19 15.12 37.26 -9.23
N GLU C 20 14.70 37.92 -8.15
CA GLU C 20 15.50 38.97 -7.52
C GLU C 20 16.29 38.49 -6.30
N ILE C 21 16.26 37.18 -6.05
CA ILE C 21 16.92 36.61 -4.87
C ILE C 21 18.43 36.52 -5.04
N THR C 22 19.16 36.96 -4.01
CA THR C 22 20.60 36.73 -3.92
C THR C 22 20.85 35.98 -2.62
N LEU C 23 21.78 35.03 -2.64
CA LEU C 23 21.97 34.10 -1.52
C LEU C 23 23.44 33.77 -1.29
N PRO C 24 23.77 33.30 -0.08
CA PRO C 24 25.11 32.73 0.15
C PRO C 24 25.30 31.48 -0.70
N HIS C 25 26.54 31.25 -1.15
CA HIS C 25 26.86 30.14 -2.06
C HIS C 25 26.40 28.79 -1.60
N THR C 26 26.27 28.60 -0.29
CA THR C 26 25.86 27.30 0.27
C THR C 26 24.34 27.04 0.16
N GLU C 27 23.55 28.09 -0.04
CA GLU C 27 22.09 27.97 -0.09
C GLU C 27 21.50 28.18 -1.48
N LYS C 28 22.35 28.46 -2.46
CA LYS C 28 21.91 28.81 -3.81
C LYS C 28 21.21 27.63 -4.49
N ALA C 29 21.83 26.46 -4.42
CA ALA C 29 21.28 25.24 -5.04
C ALA C 29 19.89 24.89 -4.50
N ASP C 30 19.71 25.06 -3.20
CA ASP C 30 18.42 24.76 -2.56
C ASP C 30 17.31 25.68 -3.06
N HIS C 31 17.62 26.96 -3.26
CA HIS C 31 16.65 27.91 -3.79
C HIS C 31 16.30 27.62 -5.22
N GLU C 32 17.30 27.28 -6.02
CA GLU C 32 17.12 27.19 -7.48
C GLU C 32 16.18 26.07 -7.94
N GLU C 33 16.13 24.96 -7.19
CA GLU C 33 15.12 23.93 -7.46
C GLU C 33 13.73 24.42 -7.07
N LEU C 34 13.66 25.17 -5.96
CA LEU C 34 12.40 25.73 -5.48
C LEU C 34 11.93 26.95 -6.27
N CYS C 35 12.86 27.62 -6.97
CA CYS C 35 12.60 28.94 -7.58
C CYS C 35 11.40 28.96 -8.52
N GLU C 36 10.45 29.84 -8.23
CA GLU C 36 9.24 29.99 -9.04
C GLU C 36 9.53 30.33 -10.50
N PHE C 37 10.68 30.97 -10.74
CA PHE C 37 11.06 31.38 -12.09
C PHE C 37 11.74 30.28 -12.90
N ARG C 38 11.96 29.11 -12.30
CA ARG C 38 12.48 27.96 -13.04
C ARG C 38 11.44 27.51 -14.06
N PRO C 39 11.87 27.21 -15.30
CA PRO C 39 10.94 26.70 -16.31
C PRO C 39 10.22 25.41 -15.93
N TYR C 40 9.01 25.23 -16.46
CA TYR C 40 8.19 24.06 -16.20
C TYR C 40 8.45 23.02 -17.27
N SER C 41 8.77 21.80 -16.83
CA SER C 41 8.94 20.67 -17.74
C SER C 41 7.59 20.15 -18.19
N CYS C 42 7.57 19.49 -19.34
CA CYS C 42 6.39 18.76 -19.78
C CYS C 42 6.08 17.72 -18.70
N PRO C 43 4.83 17.73 -18.19
CA PRO C 43 4.47 16.82 -17.11
C PRO C 43 4.26 15.38 -17.58
N CYS C 44 4.18 15.15 -18.89
CA CYS C 44 4.12 13.79 -19.41
C CYS C 44 5.30 12.97 -18.87
N PRO C 45 5.05 11.71 -18.47
CA PRO C 45 6.10 10.92 -17.84
C PRO C 45 7.23 10.53 -18.81
N GLY C 46 8.44 10.44 -18.27
CA GLY C 46 9.63 10.15 -19.07
C GLY C 46 10.24 11.39 -19.69
N ALA C 47 11.37 11.20 -20.37
CA ALA C 47 12.11 12.30 -20.99
C ALA C 47 12.02 12.26 -22.51
N SER C 48 11.01 11.57 -23.04
CA SER C 48 10.80 11.48 -24.48
C SER C 48 10.48 12.86 -25.05
N CYS C 49 9.55 13.56 -24.41
CA CYS C 49 9.33 14.97 -24.71
C CYS C 49 10.17 15.80 -23.77
N LYS C 50 10.93 16.72 -24.36
CA LYS C 50 12.01 17.47 -23.70
C LYS C 50 11.57 18.93 -23.48
N TRP C 51 10.29 19.21 -23.72
CA TRP C 51 9.77 20.57 -23.73
C TRP C 51 9.82 21.25 -22.39
N GLN C 52 10.19 22.53 -22.41
CA GLN C 52 10.15 23.39 -21.24
C GLN C 52 9.44 24.68 -21.60
N GLY C 53 8.82 25.30 -20.60
CA GLY C 53 8.20 26.62 -20.79
C GLY C 53 7.56 27.13 -19.53
N SER C 54 6.71 28.14 -19.67
CA SER C 54 6.00 28.72 -18.55
C SER C 54 4.79 27.87 -18.20
N LEU C 55 4.20 28.14 -17.04
CA LEU C 55 3.05 27.39 -16.54
C LEU C 55 1.86 27.50 -17.49
N ASP C 56 1.62 28.72 -17.97
CA ASP C 56 0.50 29.01 -18.85
C ASP C 56 0.61 28.30 -20.20
N ALA C 57 1.83 27.95 -20.59
CA ALA C 57 2.08 27.24 -21.85
C ALA C 57 1.91 25.72 -21.74
N VAL C 58 1.77 25.20 -20.52
CA VAL C 58 1.71 23.74 -20.31
C VAL C 58 0.48 23.11 -20.96
N MET C 59 -0.71 23.59 -20.63
CA MET C 59 -1.94 23.06 -21.21
C MET C 59 -1.98 23.19 -22.75
N PRO C 60 -1.66 24.38 -23.30
CA PRO C 60 -1.56 24.48 -24.76
C PRO C 60 -0.58 23.47 -25.37
N HIS C 61 0.56 23.28 -24.72
CA HIS C 61 1.56 22.31 -25.17
C HIS C 61 1.00 20.91 -25.16
N LEU C 62 0.30 20.56 -24.08
CA LEU C 62 -0.38 19.26 -24.00
C LEU C 62 -1.45 19.12 -25.07
N MET C 63 -2.29 20.14 -25.21
CA MET C 63 -3.37 20.13 -26.20
C MET C 63 -2.88 20.08 -27.64
N HIS C 64 -1.75 20.73 -27.92
CA HIS C 64 -1.28 20.88 -29.30
C HIS C 64 -0.19 19.91 -29.71
N GLN C 65 0.63 19.45 -28.78
CA GLN C 65 1.76 18.57 -29.12
C GLN C 65 1.57 17.10 -28.69
N HIS C 66 0.65 16.83 -27.78
CA HIS C 66 0.42 15.46 -27.34
C HIS C 66 -0.90 14.94 -27.79
N LYS C 67 -0.91 13.66 -28.16
CA LYS C 67 -2.09 13.01 -28.71
C LYS C 67 -3.12 12.84 -27.60
N SER C 68 -4.36 13.18 -27.91
CA SER C 68 -5.44 13.27 -26.93
C SER C 68 -5.24 12.43 -25.66
N ILE C 69 -5.07 13.12 -24.54
CA ILE C 69 -5.05 12.48 -23.24
C ILE C 69 -6.49 12.37 -22.75
N THR C 70 -6.91 11.18 -22.32
CA THR C 70 -8.24 10.96 -21.73
C THR C 70 -8.45 11.93 -20.56
N THR C 71 -9.61 12.58 -20.53
CA THR C 71 -9.90 13.64 -19.56
C THR C 71 -11.31 13.50 -19.01
N LEU C 72 -11.45 13.46 -17.69
CA LEU C 72 -12.76 13.41 -17.04
C LEU C 72 -12.97 14.65 -16.18
N GLN C 73 -14.24 15.00 -15.99
CA GLN C 73 -14.64 16.10 -15.11
C GLN C 73 -15.20 15.50 -13.84
N GLY C 74 -14.78 16.02 -12.69
CA GLY C 74 -15.31 15.59 -11.40
C GLY C 74 -14.21 15.31 -10.39
N GLU C 75 -14.58 15.44 -9.12
CA GLU C 75 -13.63 15.25 -8.03
C GLU C 75 -13.51 13.80 -7.58
N ASP C 76 -14.35 12.92 -8.12
CA ASP C 76 -14.38 11.51 -7.73
C ASP C 76 -14.61 10.63 -8.97
N ILE C 77 -13.54 9.98 -9.45
CA ILE C 77 -13.60 9.22 -10.70
C ILE C 77 -12.97 7.84 -10.59
N VAL C 78 -13.15 7.03 -11.64
CA VAL C 78 -12.44 5.75 -11.77
C VAL C 78 -11.45 5.84 -12.95
N PHE C 79 -10.19 5.64 -12.63
CA PHE C 79 -9.08 5.58 -13.58
C PHE C 79 -8.92 4.09 -13.88
N LEU C 80 -9.49 3.64 -15.01
CA LEU C 80 -9.41 2.24 -15.40
C LEU C 80 -8.23 2.02 -16.34
N ALA C 81 -7.11 1.57 -15.77
CA ALA C 81 -5.92 1.22 -16.54
C ALA C 81 -6.12 -0.11 -17.23
N THR C 82 -6.25 -0.09 -18.55
CA THR C 82 -6.48 -1.31 -19.31
C THR C 82 -5.17 -2.00 -19.69
N ASP C 83 -5.22 -3.34 -19.78
CA ASP C 83 -4.07 -4.17 -20.15
C ASP C 83 -2.92 -4.03 -19.16
N ILE C 84 -3.23 -4.18 -17.88
CA ILE C 84 -2.24 -3.94 -16.82
C ILE C 84 -1.11 -4.98 -16.79
N ASN C 85 -1.33 -6.14 -17.41
CA ASN C 85 -0.31 -7.19 -17.46
C ASN C 85 0.63 -7.09 -18.67
N LEU C 86 0.66 -5.93 -19.32
CA LEU C 86 1.53 -5.72 -20.47
C LEU C 86 2.99 -5.79 -20.04
N PRO C 87 3.86 -6.44 -20.85
CA PRO C 87 5.25 -6.53 -20.44
C PRO C 87 6.02 -5.24 -20.69
N GLY C 88 7.12 -5.04 -19.97
CA GLY C 88 8.01 -3.91 -20.19
C GLY C 88 7.62 -2.66 -19.42
N ALA C 89 8.27 -1.55 -19.74
CA ALA C 89 7.98 -0.26 -19.12
C ALA C 89 6.77 0.36 -19.81
N VAL C 90 5.70 0.55 -19.04
CA VAL C 90 4.44 1.03 -19.56
C VAL C 90 3.89 2.14 -18.68
N ASP C 91 3.17 3.08 -19.29
CA ASP C 91 2.55 4.20 -18.57
C ASP C 91 1.07 4.35 -18.93
N TRP C 92 0.29 4.80 -17.94
CA TRP C 92 -1.10 5.19 -18.14
C TRP C 92 -1.27 6.57 -17.59
N VAL C 93 -1.78 7.47 -18.41
CA VAL C 93 -1.92 8.86 -18.04
C VAL C 93 -3.32 9.34 -18.38
N MET C 94 -3.94 10.07 -17.46
CA MET C 94 -5.19 10.76 -17.74
C MET C 94 -5.22 12.08 -16.97
N MET C 95 -6.17 12.93 -17.33
CA MET C 95 -6.34 14.20 -16.67
C MET C 95 -7.70 14.25 -15.97
N GLN C 96 -7.70 14.78 -14.76
CA GLN C 96 -8.92 14.96 -13.99
C GLN C 96 -9.12 16.46 -13.76
N SER C 97 -10.34 16.96 -14.03
CA SER C 97 -10.66 18.37 -13.87
C SER C 97 -11.65 18.58 -12.74
N CYS C 98 -11.23 19.37 -11.76
CA CYS C 98 -12.09 19.73 -10.63
C CYS C 98 -11.52 20.94 -9.91
N PHE C 99 -12.40 21.68 -9.22
CA PHE C 99 -12.03 22.87 -8.46
C PHE C 99 -11.36 23.96 -9.31
N GLY C 100 -11.65 23.97 -10.61
CA GLY C 100 -11.06 24.95 -11.54
C GLY C 100 -9.63 24.64 -11.96
N PHE C 101 -9.14 23.45 -11.63
CA PHE C 101 -7.77 23.05 -11.95
C PHE C 101 -7.75 21.75 -12.75
N HIS C 102 -6.62 21.46 -13.37
CA HIS C 102 -6.40 20.18 -14.02
C HIS C 102 -5.32 19.43 -13.30
N PHE C 103 -5.56 18.15 -13.08
CA PHE C 103 -4.60 17.26 -12.42
C PHE C 103 -4.24 16.15 -13.38
N MET C 104 -2.97 15.76 -13.42
CA MET C 104 -2.55 14.62 -14.21
C MET C 104 -2.42 13.41 -13.31
N LEU C 105 -3.09 12.32 -13.67
CA LEU C 105 -3.02 11.06 -12.94
C LEU C 105 -2.07 10.16 -13.72
N VAL C 106 -1.08 9.58 -13.03
CA VAL C 106 -0.07 8.75 -13.68
C VAL C 106 0.08 7.42 -12.97
N LEU C 107 -0.01 6.33 -13.74
CA LEU C 107 0.36 5.01 -13.28
C LEU C 107 1.58 4.57 -14.11
N GLU C 108 2.70 4.35 -13.44
CA GLU C 108 3.94 3.97 -14.09
C GLU C 108 4.29 2.53 -13.73
N LYS C 109 4.50 1.71 -14.74
CA LYS C 109 4.93 0.33 -14.53
C LYS C 109 6.39 0.25 -14.95
N GLN C 110 7.29 0.14 -13.96
CA GLN C 110 8.72 0.06 -14.22
C GLN C 110 9.13 -1.39 -14.42
N GLU C 111 10.13 -1.59 -15.28
CA GLU C 111 10.76 -2.91 -15.45
C GLU C 111 12.23 -2.77 -15.08
N LYS C 112 12.65 -3.46 -14.02
CA LYS C 112 14.04 -3.43 -13.58
C LYS C 112 14.80 -4.70 -13.99
N GLY C 115 12.55 -9.88 -16.17
CA GLY C 115 12.15 -8.50 -15.91
C GLY C 115 11.15 -8.35 -14.77
N HIS C 116 11.65 -8.03 -13.57
CA HIS C 116 10.76 -7.71 -12.44
C HIS C 116 10.04 -6.42 -12.71
N GLN C 117 8.79 -6.33 -12.24
CA GLN C 117 7.98 -5.14 -12.47
C GLN C 117 7.31 -4.62 -11.20
N GLN C 118 7.18 -3.31 -11.11
CA GLN C 118 6.52 -2.63 -10.00
C GLN C 118 5.69 -1.45 -10.50
N PHE C 119 4.55 -1.21 -9.86
CA PHE C 119 3.68 -0.09 -10.21
C PHE C 119 3.86 1.08 -9.25
N PHE C 120 3.81 2.28 -9.80
CA PHE C 120 3.81 3.51 -9.03
C PHE C 120 2.67 4.38 -9.54
N ALA C 121 1.82 4.85 -8.63
CA ALA C 121 0.67 5.67 -9.00
C ALA C 121 0.73 6.97 -8.22
N ILE C 122 0.52 8.08 -8.92
CA ILE C 122 0.69 9.40 -8.32
C ILE C 122 -0.16 10.44 -9.05
N VAL C 123 -0.48 11.52 -8.35
CA VAL C 123 -1.24 12.62 -8.91
C VAL C 123 -0.40 13.90 -8.83
N GLN C 124 -0.40 14.66 -9.92
CA GLN C 124 0.27 15.96 -9.95
C GLN C 124 -0.68 17.06 -10.43
N LEU C 125 -0.57 18.23 -9.81
CA LEU C 125 -1.38 19.39 -10.20
C LEU C 125 -0.71 20.17 -11.33
N ILE C 126 -1.49 20.54 -12.35
CA ILE C 126 -1.02 21.49 -13.34
C ILE C 126 -1.19 22.87 -12.70
N GLY C 127 -0.18 23.23 -11.92
CA GLY C 127 -0.20 24.46 -11.13
C GLY C 127 1.08 24.58 -10.33
N THR C 128 1.17 25.62 -9.51
CA THR C 128 2.37 25.89 -8.73
C THR C 128 2.45 24.98 -7.51
N ARG C 129 3.58 25.04 -6.82
CA ARG C 129 3.75 24.34 -5.56
C ARG C 129 2.76 24.82 -4.51
N LYS C 130 2.68 26.13 -4.31
CA LYS C 130 1.74 26.68 -3.31
C LYS C 130 0.30 26.28 -3.60
N GLN C 131 -0.09 26.31 -4.87
CA GLN C 131 -1.44 25.89 -5.27
C GLN C 131 -1.70 24.41 -4.95
N ALA C 132 -0.66 23.58 -5.09
CA ALA C 132 -0.77 22.15 -4.84
C ALA C 132 -1.03 21.83 -3.35
N GLU C 133 -0.54 22.70 -2.46
CA GLU C 133 -0.66 22.47 -1.01
C GLU C 133 -2.12 22.49 -0.53
N ASN C 134 -3.00 23.11 -1.30
CA ASN C 134 -4.41 23.21 -0.94
C ASN C 134 -5.22 21.93 -1.15
N PHE C 135 -4.67 21.00 -1.93
CA PHE C 135 -5.39 19.79 -2.31
C PHE C 135 -4.86 18.55 -1.61
N ALA C 136 -5.73 17.55 -1.52
CA ALA C 136 -5.36 16.21 -1.09
C ALA C 136 -5.94 15.23 -2.10
N TYR C 137 -5.29 14.10 -2.29
CA TYR C 137 -5.83 13.08 -3.16
C TYR C 137 -5.77 11.71 -2.54
N ARG C 138 -6.66 10.84 -3.00
CA ARG C 138 -6.73 9.48 -2.54
C ARG C 138 -6.79 8.55 -3.72
N LEU C 139 -5.90 7.56 -3.72
CA LEU C 139 -5.94 6.46 -4.68
C LEU C 139 -6.33 5.19 -3.94
N GLU C 140 -7.35 4.49 -4.40
CA GLU C 140 -7.67 3.23 -3.78
C GLU C 140 -7.90 2.10 -4.76
N LEU C 141 -7.33 0.95 -4.43
CA LEU C 141 -7.57 -0.28 -5.13
C LEU C 141 -8.60 -1.06 -4.30
N ASN C 142 -9.63 -1.53 -4.98
CA ASN C 142 -10.70 -2.30 -4.35
C ASN C 142 -10.80 -3.70 -4.91
N GLY C 143 -10.90 -4.68 -4.03
CA GLY C 143 -11.15 -6.06 -4.42
C GLY C 143 -12.14 -6.68 -3.45
N HIS C 144 -12.33 -7.99 -3.58
CA HIS C 144 -13.19 -8.73 -2.68
C HIS C 144 -12.63 -8.65 -1.29
N ARG C 145 -13.25 -7.79 -0.47
CA ARG C 145 -12.89 -7.65 0.94
C ARG C 145 -11.40 -7.32 1.16
N ARG C 146 -10.87 -6.51 0.24
CA ARG C 146 -9.49 -6.04 0.28
C ARG C 146 -9.52 -4.61 -0.19
N ARG C 147 -8.74 -3.74 0.47
CA ARG C 147 -8.58 -2.38 -0.01
C ARG C 147 -7.21 -1.82 0.32
N LEU C 148 -6.55 -1.25 -0.69
CA LEU C 148 -5.26 -0.60 -0.53
C LEU C 148 -5.44 0.88 -0.87
N THR C 149 -5.09 1.75 0.06
CA THR C 149 -5.33 3.19 -0.09
C THR C 149 -4.06 3.99 0.15
N TRP C 150 -3.85 4.97 -0.71
CA TRP C 150 -2.78 5.94 -0.57
C TRP C 150 -3.37 7.31 -0.57
N GLU C 151 -3.01 8.13 0.42
CA GLU C 151 -3.47 9.51 0.51
C GLU C 151 -2.29 10.45 0.70
N ALA C 152 -2.30 11.56 -0.04
CA ALA C 152 -1.21 12.53 0.02
C ALA C 152 -1.58 13.86 -0.62
N THR C 153 -0.64 14.80 -0.55
CA THR C 153 -0.74 16.05 -1.28
C THR C 153 -0.24 15.81 -2.70
N PRO C 154 -0.99 16.28 -3.72
CA PRO C 154 -0.47 16.11 -5.07
C PRO C 154 0.77 16.98 -5.29
N ARG C 155 1.70 16.48 -6.10
CA ARG C 155 2.90 17.23 -6.46
C ARG C 155 2.52 18.29 -7.48
N SER C 156 3.15 19.46 -7.40
CA SER C 156 3.10 20.42 -8.49
C SER C 156 3.93 19.87 -9.64
N ILE C 157 3.49 20.10 -10.87
CA ILE C 157 4.27 19.71 -12.04
C ILE C 157 5.63 20.44 -12.07
N HIS C 158 5.72 21.53 -11.32
CA HIS C 158 6.99 22.24 -11.13
C HIS C 158 8.01 21.37 -10.46
N GLU C 159 7.59 20.61 -9.45
CA GLU C 159 8.49 19.65 -8.79
C GLU C 159 8.62 18.39 -9.64
N GLY C 160 7.55 18.05 -10.34
CA GLY C 160 7.51 16.80 -11.10
C GLY C 160 7.26 15.63 -10.18
N ILE C 161 7.26 14.44 -10.77
CA ILE C 161 6.94 13.21 -10.05
C ILE C 161 8.12 12.22 -9.98
N ALA C 162 9.17 12.49 -10.76
CA ALA C 162 10.31 11.57 -10.85
C ALA C 162 11.00 11.37 -9.49
N THR C 163 11.19 12.47 -8.75
CA THR C 163 11.81 12.39 -7.43
C THR C 163 10.95 11.62 -6.44
N ALA C 164 9.64 11.91 -6.43
CA ALA C 164 8.69 11.19 -5.58
C ALA C 164 8.70 9.69 -5.87
N ILE C 165 8.65 9.35 -7.15
CA ILE C 165 8.69 7.94 -7.59
C ILE C 165 10.00 7.26 -7.19
N MET C 166 11.11 7.97 -7.33
CA MET C 166 12.41 7.46 -6.91
C MET C 166 12.45 7.15 -5.41
N ASN C 167 11.72 7.92 -4.61
CA ASN C 167 11.67 7.74 -3.15
C ASN C 167 10.46 6.91 -2.68
N SER C 168 9.68 6.39 -3.64
CA SER C 168 8.46 5.64 -3.35
C SER C 168 7.44 6.46 -2.56
N ASP C 169 7.43 7.77 -2.80
CA ASP C 169 6.52 8.67 -2.10
C ASP C 169 5.23 8.81 -2.91
N CYS C 170 4.51 7.69 -3.01
CA CYS C 170 3.31 7.56 -3.82
C CYS C 170 2.77 6.15 -3.57
N LEU C 171 1.69 5.75 -4.26
CA LEU C 171 1.20 4.37 -4.15
C LEU C 171 2.14 3.44 -4.93
N VAL C 172 2.72 2.47 -4.22
CA VAL C 172 3.67 1.52 -4.78
C VAL C 172 3.14 0.12 -4.60
N PHE C 173 3.11 -0.68 -5.67
CA PHE C 173 2.67 -2.06 -5.56
C PHE C 173 3.24 -2.95 -6.66
N ASP C 174 3.36 -4.24 -6.36
CA ASP C 174 3.97 -5.22 -7.27
C ASP C 174 2.90 -5.89 -8.14
N THR C 175 3.35 -6.74 -9.07
CA THR C 175 2.45 -7.41 -10.00
C THR C 175 1.53 -8.42 -9.31
N SER C 176 2.00 -9.05 -8.24
CA SER C 176 1.15 -9.99 -7.50
C SER C 176 0.01 -9.24 -6.80
N ILE C 177 0.32 -8.07 -6.24
CA ILE C 177 -0.70 -7.15 -5.70
C ILE C 177 -1.70 -6.75 -6.79
N ALA C 178 -1.17 -6.35 -7.95
CA ALA C 178 -2.02 -5.95 -9.09
C ALA C 178 -3.02 -7.04 -9.49
N GLN C 179 -2.60 -8.29 -9.48
CA GLN C 179 -3.49 -9.41 -9.83
C GLN C 179 -4.63 -9.54 -8.84
N LEU C 180 -4.32 -9.28 -7.58
CA LEU C 180 -5.29 -9.27 -6.50
C LEU C 180 -6.47 -8.32 -6.77
N PHE C 181 -6.19 -7.21 -7.46
CA PHE C 181 -7.20 -6.17 -7.70
C PHE C 181 -7.68 -6.05 -9.16
N ALA C 182 -6.99 -6.74 -10.07
CA ALA C 182 -7.29 -6.62 -11.50
C ALA C 182 -8.54 -7.42 -11.90
N GLU C 183 -9.29 -6.87 -12.85
CA GLU C 183 -10.45 -7.54 -13.42
C GLU C 183 -10.27 -7.59 -14.92
N ASN C 184 -10.18 -8.80 -15.48
CA ASN C 184 -10.03 -9.00 -16.93
C ASN C 184 -8.83 -8.26 -17.52
N GLY C 185 -7.71 -8.30 -16.82
CA GLY C 185 -6.50 -7.60 -17.25
C GLY C 185 -6.53 -6.08 -17.08
N ASN C 186 -7.57 -5.57 -16.42
CA ASN C 186 -7.73 -4.13 -16.19
C ASN C 186 -7.65 -3.83 -14.70
N LEU C 187 -7.13 -2.66 -14.36
CA LEU C 187 -7.03 -2.23 -12.97
C LEU C 187 -7.81 -0.95 -12.78
N GLY C 188 -8.85 -1.02 -11.94
CA GLY C 188 -9.64 0.16 -11.60
C GLY C 188 -9.06 0.86 -10.40
N ILE C 189 -8.66 2.13 -10.58
CA ILE C 189 -8.16 2.95 -9.47
C ILE C 189 -9.18 4.05 -9.19
N ASN C 190 -9.75 4.05 -7.98
CA ASN C 190 -10.64 5.12 -7.56
C ASN C 190 -9.81 6.32 -7.16
N VAL C 191 -10.02 7.45 -7.84
CA VAL C 191 -9.27 8.66 -7.55
C VAL C 191 -10.23 9.73 -7.02
N THR C 192 -9.97 10.19 -5.79
CA THR C 192 -10.73 11.25 -5.18
C THR C 192 -9.80 12.42 -4.90
N ILE C 193 -10.23 13.61 -5.28
CA ILE C 193 -9.46 14.82 -5.00
C ILE C 193 -10.32 15.73 -4.15
N SER C 194 -9.75 16.28 -3.10
CA SER C 194 -10.46 17.22 -2.24
C SER C 194 -9.59 18.42 -1.85
N MET C 195 -10.24 19.49 -1.43
CA MET C 195 -9.55 20.66 -0.91
C MET C 195 -9.51 20.53 0.60
N CYS C 196 -8.33 20.76 1.18
CA CYS C 196 -8.12 20.64 2.62
C CYS C 196 -7.44 21.89 3.17
C ACE D 1 -25.40 10.79 -5.95
O ACE D 1 -26.03 10.29 -5.03
CH3 ACE D 1 -26.13 11.29 -7.18
N LYS D 2 -24.08 10.89 -5.91
CA LYS D 2 -23.29 11.42 -7.01
C LYS D 2 -22.96 10.32 -8.02
N LEU D 3 -23.09 10.64 -9.31
CA LEU D 3 -22.58 9.78 -10.38
C LEU D 3 -21.06 9.78 -10.35
N ARG D 4 -20.44 8.69 -10.79
CA ARG D 4 -18.99 8.56 -10.79
C ARG D 4 -18.49 8.14 -12.18
N PRO D 5 -17.86 9.06 -12.92
CA PRO D 5 -17.41 8.73 -14.27
C PRO D 5 -16.19 7.80 -14.28
N VAL D 6 -16.12 6.97 -15.33
CA VAL D 6 -15.05 6.00 -15.51
C VAL D 6 -14.32 6.32 -16.81
N ALA D 7 -13.00 6.35 -16.76
CA ALA D 7 -12.18 6.56 -17.95
C ALA D 7 -11.40 5.29 -18.24
N MET D 8 -11.63 4.72 -19.43
CA MET D 8 -10.80 3.64 -19.93
C MET D 8 -9.54 4.25 -20.53
N VAL D 9 -8.42 4.08 -19.83
CA VAL D 9 -7.15 4.65 -20.25
C VAL D 9 -6.32 3.55 -20.91
N ARG D 10 -5.85 3.80 -22.13
CA ARG D 10 -5.00 2.84 -22.84
C ARG D 10 -3.54 3.06 -22.47
N PRO D 11 -2.74 1.97 -22.43
CA PRO D 11 -1.34 2.07 -22.04
C PRO D 11 -0.45 2.70 -23.11
C PRK D 12 3.04 3.15 -23.21
N PRK D 12 0.72 3.18 -22.66
O PRK D 12 3.38 2.98 -22.05
CA PRK D 12 1.73 3.79 -23.52
CB PRK D 12 1.85 5.26 -23.11
CD PRK D 12 0.83 7.57 -23.52
CE PRK D 12 1.51 8.08 -22.24
CG PRK D 12 1.34 6.26 -24.13
NZ PRK D 12 2.01 9.43 -22.38
CAA PRK D 12 1.49 12.81 -21.53
OAD PRK D 12 -0.01 10.45 -22.46
CAF PRK D 12 1.89 11.85 -22.63
CAL PRK D 12 1.21 10.51 -22.47
N VAL D 13 3.80 2.77 -24.24
CA VAL D 13 5.14 2.25 -24.04
C VAL D 13 6.09 3.40 -23.71
N ARG D 14 7.11 3.12 -22.91
CA ARG D 14 8.20 4.07 -22.70
C ARG D 14 9.52 3.45 -23.16
ZN ZN E . 4.20 -22.47 20.26
ZN ZN F . -13.53 -32.80 7.33
C1 MPD G . -3.70 13.78 6.56
C2 MPD G . -4.13 13.09 5.26
O2 MPD G . -3.08 12.24 4.82
CM MPD G . -5.38 12.25 5.50
C3 MPD G . -4.45 14.11 4.17
C4 MPD G . -3.22 14.90 3.72
O4 MPD G . -2.30 14.08 2.98
C5 MPD G . -3.65 16.07 2.84
ZN ZN H . 5.47 17.28 -23.99
ZN ZN I . 15.38 32.20 -8.02
#